data_1EDY
#
_entry.id   1EDY
#
_cell.length_a   64.377
_cell.length_b   36.151
_cell.length_c   77.978
_cell.angle_alpha   90.00
_cell.angle_beta   105.88
_cell.angle_gamma   90.00
#
_symmetry.space_group_name_H-M   'P 1 21 1'
#
loop_
_entity.id
_entity.type
_entity.pdbx_description
1 polymer 'ALPHA 1-MACROGLOBULIN'
2 water water
#
_entity_poly.entity_id   1
_entity_poly.type   'polypeptide(L)'
_entity_poly.pdbx_seq_one_letter_code
;EAPFTLKVNTLPLNFDKAEHHRKFQIHINVSYIGERPNSNMVIVDVKMVSGFIPVKPSVKKLQDQSNIQRTEVNTNHVLI
YIEKLTNQTMGFSFAVEQDIPVKNLKPAPVKVYDYYETDEFAIEEYSAPFSSDS
;
_entity_poly.pdbx_strand_id   A,B
#
# COMPACT_ATOMS: atom_id res chain seq x y z
N GLU A 1 27.97 11.18 -8.12
CA GLU A 1 28.27 12.42 -7.34
C GLU A 1 27.57 13.61 -8.01
N ALA A 2 26.32 13.82 -7.65
CA ALA A 2 25.49 14.90 -8.20
C ALA A 2 25.95 16.29 -7.79
N PRO A 3 25.82 17.28 -8.70
CA PRO A 3 26.21 18.67 -8.47
C PRO A 3 25.19 19.39 -7.57
N PHE A 4 24.15 18.66 -7.19
CA PHE A 4 23.11 19.16 -6.32
C PHE A 4 22.90 18.15 -5.20
N THR A 5 22.52 18.64 -4.03
CA THR A 5 22.24 17.76 -2.92
C THR A 5 20.72 17.82 -2.83
N LEU A 6 20.08 16.67 -2.69
CA LEU A 6 18.63 16.62 -2.61
C LEU A 6 18.17 15.62 -1.55
N LYS A 7 17.40 16.11 -0.58
CA LYS A 7 16.86 15.28 0.49
C LYS A 7 15.36 15.53 0.56
N VAL A 8 14.58 14.47 0.44
CA VAL A 8 13.13 14.57 0.48
C VAL A 8 12.57 13.81 1.66
N ASN A 9 11.79 14.51 2.49
CA ASN A 9 11.18 13.92 3.66
C ASN A 9 9.69 14.23 3.71
N THR A 10 8.91 13.29 4.25
CA THR A 10 7.47 13.46 4.35
C THR A 10 7.04 13.48 5.80
N LEU A 11 6.08 14.35 6.09
CA LEU A 11 5.58 14.50 7.45
C LEU A 11 4.07 14.31 7.45
N PRO A 12 3.58 13.20 8.04
CA PRO A 12 2.15 12.90 8.12
C PRO A 12 1.46 13.97 8.96
N LEU A 13 0.42 14.57 8.40
CA LEU A 13 -0.30 15.64 9.11
C LEU A 13 -1.50 15.21 9.93
N ASN A 14 -2.23 14.18 9.48
CA ASN A 14 -3.42 13.73 10.20
C ASN A 14 -3.75 12.25 10.01
N PHE A 15 -2.74 11.45 9.69
CA PHE A 15 -2.92 10.02 9.44
C PHE A 15 -3.55 9.20 10.58
N ASP A 16 -3.86 9.84 11.71
CA ASP A 16 -4.43 9.09 12.82
C ASP A 16 -5.93 9.27 13.08
N LYS A 17 -6.36 10.51 13.31
CA LYS A 17 -7.77 10.77 13.58
C LYS A 17 -8.35 11.73 12.54
N ALA A 18 -7.98 11.52 11.28
CA ALA A 18 -8.46 12.35 10.17
C ALA A 18 -9.98 12.20 10.02
N GLU A 19 -10.61 13.19 9.38
CA GLU A 19 -12.04 13.14 9.17
C GLU A 19 -12.42 12.38 7.90
N HIS A 20 -12.20 13.00 6.74
CA HIS A 20 -12.53 12.37 5.47
C HIS A 20 -11.30 12.02 4.62
N HIS A 21 -10.42 13.00 4.39
CA HIS A 21 -9.22 12.77 3.58
C HIS A 21 -7.90 13.20 4.20
N ARG A 22 -7.01 12.23 4.37
CA ARG A 22 -5.68 12.45 4.96
C ARG A 22 -4.65 13.08 4.02
N LYS A 23 -3.82 13.94 4.59
CA LYS A 23 -2.80 14.65 3.84
C LYS A 23 -1.45 14.72 4.57
N PHE A 24 -0.37 14.87 3.80
CA PHE A 24 0.96 14.97 4.36
C PHE A 24 1.82 16.06 3.69
N GLN A 25 2.89 16.47 4.38
CA GLN A 25 3.80 17.49 3.88
C GLN A 25 5.02 16.89 3.21
N ILE A 26 5.43 17.49 2.09
CA ILE A 26 6.61 17.03 1.38
C ILE A 26 7.67 18.11 1.60
N HIS A 27 8.73 17.76 2.32
CA HIS A 27 9.82 18.70 2.60
C HIS A 27 10.95 18.46 1.61
N ILE A 28 11.35 19.51 0.92
CA ILE A 28 12.44 19.46 -0.05
C ILE A 28 13.62 20.26 0.49
N ASN A 29 14.77 19.61 0.56
CA ASN A 29 15.99 20.24 1.03
C ASN A 29 16.97 20.09 -0.11
N VAL A 30 17.44 21.23 -0.60
CA VAL A 30 18.35 21.20 -1.74
C VAL A 30 19.41 22.29 -1.71
N SER A 31 20.54 22.04 -2.39
CA SER A 31 21.63 22.99 -2.49
C SER A 31 22.48 22.66 -3.72
N TYR A 32 23.31 23.60 -4.14
CA TYR A 32 24.18 23.41 -5.29
C TYR A 32 25.62 23.28 -4.82
N ILE A 33 26.25 22.15 -5.14
CA ILE A 33 27.63 21.92 -4.73
C ILE A 33 28.57 21.74 -5.92
N GLY A 34 28.13 22.16 -7.09
CA GLY A 34 28.93 22.05 -8.30
C GLY A 34 30.12 23.00 -8.37
N GLU A 35 30.76 23.06 -9.53
CA GLU A 35 31.93 23.90 -9.74
C GLU A 35 31.73 25.43 -9.73
N ARG A 36 30.53 25.88 -10.12
CA ARG A 36 30.23 27.33 -10.13
C ARG A 36 29.91 27.86 -8.74
N PRO A 37 30.02 29.18 -8.53
CA PRO A 37 29.73 29.77 -7.22
C PRO A 37 28.25 29.68 -6.85
N ASN A 38 27.40 29.51 -7.86
CA ASN A 38 25.96 29.40 -7.67
C ASN A 38 25.37 28.87 -8.96
N SER A 39 24.11 28.46 -8.92
CA SER A 39 23.45 27.95 -10.11
C SER A 39 22.64 29.05 -10.78
N ASN A 40 22.05 28.70 -11.92
CA ASN A 40 21.16 29.63 -12.61
C ASN A 40 19.81 29.27 -11.98
N MET A 41 18.73 29.64 -12.65
CA MET A 41 17.40 29.31 -12.16
C MET A 41 17.34 27.78 -12.08
N VAL A 42 16.76 27.28 -11.01
CA VAL A 42 16.67 25.86 -10.80
C VAL A 42 15.22 25.39 -10.74
N ILE A 43 14.98 24.21 -11.28
CA ILE A 43 13.65 23.65 -11.27
C ILE A 43 13.60 22.37 -10.46
N VAL A 44 12.67 22.34 -9.51
CA VAL A 44 12.47 21.13 -8.72
C VAL A 44 11.16 20.56 -9.23
N ASP A 45 11.25 19.33 -9.74
CA ASP A 45 10.10 18.63 -10.29
C ASP A 45 9.68 17.52 -9.32
N VAL A 46 8.52 17.71 -8.69
CA VAL A 46 7.99 16.75 -7.74
C VAL A 46 6.83 15.96 -8.33
N LYS A 47 7.03 14.67 -8.54
CA LYS A 47 5.95 13.83 -9.06
C LYS A 47 5.12 13.34 -7.87
N MET A 48 3.80 13.27 -8.07
CA MET A 48 2.88 12.82 -7.02
C MET A 48 2.82 11.29 -6.88
N VAL A 49 2.57 10.80 -5.67
CA VAL A 49 2.42 9.36 -5.47
C VAL A 49 0.96 8.99 -5.69
N SER A 50 0.74 7.73 -6.06
CA SER A 50 -0.59 7.20 -6.33
C SER A 50 -1.65 7.68 -5.34
N GLY A 51 -2.73 8.24 -5.88
CA GLY A 51 -3.82 8.73 -5.04
C GLY A 51 -3.60 10.05 -4.35
N PHE A 52 -2.57 10.80 -4.73
CA PHE A 52 -2.33 12.08 -4.07
C PHE A 52 -2.16 13.24 -5.02
N ILE A 53 -2.75 14.36 -4.62
CA ILE A 53 -2.69 15.60 -5.41
C ILE A 53 -2.24 16.72 -4.48
N PRO A 54 -1.58 17.75 -5.02
CA PRO A 54 -1.12 18.87 -4.19
C PRO A 54 -2.24 19.79 -3.69
N VAL A 55 -2.07 20.27 -2.46
CA VAL A 55 -3.01 21.19 -1.85
C VAL A 55 -2.55 22.53 -2.42
N LYS A 56 -3.22 22.97 -3.48
CA LYS A 56 -2.90 24.22 -4.18
C LYS A 56 -2.44 25.44 -3.37
N PRO A 57 -3.23 25.85 -2.36
CA PRO A 57 -2.81 27.01 -1.56
C PRO A 57 -1.39 26.90 -0.98
N SER A 58 -1.02 25.71 -0.50
CA SER A 58 0.31 25.54 0.08
C SER A 58 1.41 25.63 -0.98
N VAL A 59 1.10 25.20 -2.20
CA VAL A 59 2.06 25.25 -3.30
C VAL A 59 2.23 26.70 -3.72
N LYS A 60 1.11 27.41 -3.88
CA LYS A 60 1.16 28.79 -4.29
C LYS A 60 1.85 29.71 -3.31
N LYS A 61 1.68 29.47 -2.01
CA LYS A 61 2.30 30.33 -1.01
C LYS A 61 3.83 30.25 -1.00
N LEU A 62 4.37 29.34 -1.81
CA LEU A 62 5.81 29.19 -1.93
C LEU A 62 6.37 30.39 -2.68
N GLN A 63 5.54 30.96 -3.57
CA GLN A 63 5.92 32.12 -4.37
C GLN A 63 6.18 33.36 -3.52
N ASP A 64 5.71 33.35 -2.28
CA ASP A 64 5.91 34.47 -1.37
C ASP A 64 7.40 34.61 -1.03
N GLN A 65 8.14 33.50 -1.11
CA GLN A 65 9.57 33.50 -0.84
C GLN A 65 10.30 34.19 -1.97
N SER A 66 11.28 35.02 -1.63
CA SER A 66 12.07 35.72 -2.63
C SER A 66 12.82 34.78 -3.58
N ASN A 67 13.30 33.65 -3.04
CA ASN A 67 14.05 32.71 -3.85
C ASN A 67 13.19 31.78 -4.69
N ILE A 68 11.89 31.96 -4.67
CA ILE A 68 11.00 31.12 -5.48
C ILE A 68 10.20 31.98 -6.44
N GLN A 69 10.62 32.02 -7.70
CA GLN A 69 9.95 32.84 -8.70
C GLN A 69 8.50 32.44 -8.89
N ARG A 70 8.24 31.16 -9.13
CA ARG A 70 6.86 30.70 -9.34
C ARG A 70 6.70 29.19 -9.18
N THR A 71 5.44 28.75 -9.15
CA THR A 71 5.12 27.34 -9.02
C THR A 71 4.08 26.92 -10.07
N GLU A 72 4.20 25.70 -10.57
CA GLU A 72 3.27 25.16 -11.55
C GLU A 72 2.72 23.83 -11.07
N VAL A 73 1.41 23.64 -11.26
CA VAL A 73 0.77 22.39 -10.88
C VAL A 73 0.21 21.72 -12.13
N ASN A 74 0.93 20.72 -12.61
CA ASN A 74 0.54 19.97 -13.80
C ASN A 74 -0.03 18.60 -13.41
N THR A 75 -0.41 17.82 -14.40
CA THR A 75 -0.96 16.50 -14.16
C THR A 75 0.03 15.69 -13.33
N ASN A 76 -0.35 15.42 -12.09
CA ASN A 76 0.47 14.67 -11.13
C ASN A 76 1.94 15.12 -11.00
N HIS A 77 2.17 16.43 -11.13
CA HIS A 77 3.51 17.03 -11.03
C HIS A 77 3.46 18.45 -10.46
N VAL A 78 4.44 18.78 -9.63
CA VAL A 78 4.53 20.12 -9.06
C VAL A 78 5.90 20.66 -9.46
N LEU A 79 5.92 21.83 -10.07
CA LEU A 79 7.18 22.46 -10.49
C LEU A 79 7.44 23.69 -9.64
N ILE A 80 8.66 23.80 -9.12
CA ILE A 80 9.05 24.94 -8.30
C ILE A 80 10.25 25.59 -8.97
N TYR A 81 10.08 26.86 -9.35
CA TYR A 81 11.15 27.62 -10.00
C TYR A 81 11.95 28.39 -8.97
N ILE A 82 13.18 27.95 -8.76
CA ILE A 82 14.07 28.58 -7.79
C ILE A 82 15.06 29.52 -8.48
N GLU A 83 15.08 30.76 -8.02
CA GLU A 83 15.95 31.79 -8.56
C GLU A 83 17.44 31.44 -8.52
N LYS A 84 17.91 30.96 -7.37
CA LYS A 84 19.32 30.64 -7.24
C LYS A 84 19.65 29.69 -6.08
N LEU A 85 20.65 28.85 -6.30
CA LEU A 85 21.11 27.92 -5.28
C LEU A 85 22.62 28.00 -5.09
N THR A 86 23.06 27.97 -3.84
CA THR A 86 24.47 28.00 -3.47
C THR A 86 24.69 26.74 -2.65
N ASN A 87 25.88 26.56 -2.06
CA ASN A 87 26.09 25.37 -1.25
C ASN A 87 25.40 25.50 0.11
N GLN A 88 24.52 26.49 0.22
CA GLN A 88 23.74 26.70 1.43
C GLN A 88 22.41 25.98 1.21
N THR A 89 21.95 25.27 2.24
CA THR A 89 20.71 24.51 2.16
C THR A 89 19.45 25.36 2.04
N MET A 90 18.57 24.94 1.14
CA MET A 90 17.27 25.61 0.98
C MET A 90 16.25 24.53 1.32
N GLY A 91 15.42 24.81 2.32
CA GLY A 91 14.42 23.84 2.73
C GLY A 91 13.03 24.40 2.68
N PHE A 92 12.23 23.93 1.72
CA PHE A 92 10.86 24.39 1.58
C PHE A 92 9.96 23.18 1.57
N SER A 93 8.65 23.40 1.65
CA SER A 93 7.71 22.31 1.64
C SER A 93 6.33 22.74 1.20
N PHE A 94 5.49 21.74 0.89
CA PHE A 94 4.10 21.96 0.51
C PHE A 94 3.31 20.70 0.85
N ALA A 95 1.99 20.84 0.96
CA ALA A 95 1.15 19.70 1.30
C ALA A 95 0.46 19.05 0.09
N VAL A 96 0.12 17.78 0.26
CA VAL A 96 -0.57 17.00 -0.76
C VAL A 96 -1.67 16.24 -0.03
N GLU A 97 -2.80 16.02 -0.70
CA GLU A 97 -3.92 15.30 -0.09
C GLU A 97 -4.43 14.18 -0.99
N GLN A 98 -5.11 13.23 -0.36
CA GLN A 98 -5.66 12.08 -1.06
C GLN A 98 -6.99 12.40 -1.77
N ASP A 99 -7.01 12.21 -3.09
CA ASP A 99 -8.20 12.47 -3.89
C ASP A 99 -8.94 11.16 -4.14
N ILE A 100 -8.17 10.10 -4.44
CA ILE A 100 -8.72 8.77 -4.69
C ILE A 100 -7.93 7.74 -3.89
N PRO A 101 -8.57 6.61 -3.54
CA PRO A 101 -7.89 5.56 -2.77
C PRO A 101 -6.62 5.10 -3.49
N VAL A 102 -5.60 4.75 -2.72
CA VAL A 102 -4.33 4.30 -3.26
C VAL A 102 -4.45 3.08 -4.16
N LYS A 103 -3.68 3.07 -5.24
CA LYS A 103 -3.68 1.97 -6.20
C LYS A 103 -2.35 1.23 -6.09
N ASN A 104 -1.47 1.78 -5.26
CA ASN A 104 -0.14 1.23 -5.00
C ASN A 104 0.56 2.12 -3.97
N LEU A 105 1.72 1.68 -3.50
CA LEU A 105 2.48 2.43 -2.53
C LEU A 105 3.91 2.62 -3.01
N LYS A 106 4.06 2.71 -4.32
CA LYS A 106 5.37 2.92 -4.93
C LYS A 106 5.88 4.33 -4.63
N PRO A 107 7.20 4.53 -4.71
CA PRO A 107 7.78 5.84 -4.44
C PRO A 107 7.75 6.72 -5.69
N ALA A 108 7.55 8.01 -5.49
CA ALA A 108 7.53 8.96 -6.60
C ALA A 108 8.86 9.69 -6.64
N PRO A 109 9.36 9.99 -7.85
CA PRO A 109 10.63 10.70 -8.02
C PRO A 109 10.57 12.22 -7.90
N VAL A 110 11.70 12.80 -7.47
CA VAL A 110 11.85 14.24 -7.34
C VAL A 110 13.15 14.57 -8.06
N LYS A 111 13.06 15.51 -8.99
CA LYS A 111 14.23 15.91 -9.74
C LYS A 111 14.52 17.40 -9.61
N VAL A 112 15.79 17.71 -9.38
CA VAL A 112 16.24 19.09 -9.29
C VAL A 112 17.30 19.28 -10.36
N TYR A 113 17.17 20.34 -11.15
CA TYR A 113 18.14 20.62 -12.20
C TYR A 113 18.25 22.09 -12.61
N ASP A 114 19.43 22.45 -13.11
CA ASP A 114 19.72 23.81 -13.58
C ASP A 114 19.03 23.98 -14.93
N TYR A 115 18.12 24.94 -15.01
CA TYR A 115 17.38 25.19 -16.25
C TYR A 115 18.24 25.29 -17.51
N TYR A 116 19.39 25.96 -17.40
CA TYR A 116 20.29 26.13 -18.54
C TYR A 116 21.37 25.05 -18.64
N GLU A 117 21.60 24.34 -17.55
CA GLU A 117 22.58 23.26 -17.55
C GLU A 117 21.87 21.99 -17.09
N THR A 118 21.07 21.41 -17.99
CA THR A 118 20.30 20.20 -17.67
C THR A 118 21.17 18.99 -17.35
N ASP A 119 22.42 19.01 -17.80
CA ASP A 119 23.33 17.92 -17.49
C ASP A 119 23.63 17.88 -15.99
N GLU A 120 23.38 19.01 -15.31
CA GLU A 120 23.58 19.12 -13.87
C GLU A 120 22.25 18.92 -13.15
N PHE A 121 22.12 17.79 -12.48
CA PHE A 121 20.88 17.44 -11.78
C PHE A 121 21.11 16.42 -10.67
N ALA A 122 20.02 16.09 -9.98
CA ALA A 122 20.01 15.12 -8.92
C ALA A 122 18.58 14.58 -8.81
N ILE A 123 18.45 13.27 -8.62
CA ILE A 123 17.14 12.64 -8.51
C ILE A 123 17.06 11.83 -7.23
N GLU A 124 15.96 11.99 -6.50
CA GLU A 124 15.72 11.25 -5.26
C GLU A 124 14.26 10.80 -5.26
N GLU A 125 13.93 9.88 -4.37
CA GLU A 125 12.56 9.36 -4.26
C GLU A 125 11.95 9.61 -2.90
N TYR A 126 10.63 9.41 -2.85
CA TYR A 126 9.83 9.54 -1.62
C TYR A 126 8.51 8.79 -1.83
N SER A 127 7.84 8.46 -0.75
CA SER A 127 6.56 7.75 -0.84
C SER A 127 5.63 8.21 0.26
N ALA A 128 4.35 7.84 0.16
CA ALA A 128 3.40 8.23 1.18
C ALA A 128 3.84 7.66 2.52
N PRO A 129 3.78 8.47 3.60
CA PRO A 129 4.17 8.10 4.97
C PRO A 129 3.27 7.08 5.67
N PHE A 130 3.10 5.93 5.04
CA PHE A 130 2.28 4.87 5.60
C PHE A 130 3.13 3.98 6.51
N SER A 131 2.50 3.40 7.51
CA SER A 131 3.19 2.51 8.44
C SER A 131 3.75 1.33 7.67
N SER A 132 4.86 0.77 8.14
CA SER A 132 5.48 -0.36 7.46
C SER A 132 5.24 -1.69 8.18
N ASP A 133 5.26 -2.78 7.39
CA ASP A 133 5.05 -4.12 7.91
C ASP A 133 6.38 -4.67 8.44
N SER A 134 7.48 -4.17 7.87
CA SER A 134 8.82 -4.58 8.26
C SER A 134 9.15 -4.14 9.69
N GLU B 1 2.93 -34.91 3.43
CA GLU B 1 3.07 -35.44 4.83
C GLU B 1 1.88 -35.07 5.72
N ALA B 2 1.39 -33.84 5.59
CA ALA B 2 0.26 -33.38 6.40
C ALA B 2 -1.02 -34.13 6.00
N PRO B 3 -1.93 -34.34 6.96
CA PRO B 3 -3.19 -35.05 6.72
C PRO B 3 -4.21 -34.21 5.94
N PHE B 4 -3.87 -32.95 5.71
CA PHE B 4 -4.73 -32.05 4.94
C PHE B 4 -3.96 -31.46 3.79
N THR B 5 -4.63 -31.25 2.66
CA THR B 5 -3.98 -30.62 1.52
C THR B 5 -4.56 -29.21 1.56
N LEU B 6 -3.69 -28.21 1.44
CA LEU B 6 -4.14 -26.83 1.47
C LEU B 6 -3.44 -25.98 0.41
N LYS B 7 -4.23 -25.38 -0.47
CA LYS B 7 -3.72 -24.52 -1.53
C LYS B 7 -4.45 -23.19 -1.46
N VAL B 8 -3.68 -22.11 -1.33
CA VAL B 8 -4.28 -20.78 -1.24
C VAL B 8 -3.84 -19.91 -2.40
N ASN B 9 -4.82 -19.36 -3.11
CA ASN B 9 -4.56 -18.50 -4.26
C ASN B 9 -5.35 -17.20 -4.14
N THR B 10 -4.78 -16.12 -4.68
CA THR B 10 -5.42 -14.82 -4.65
C THR B 10 -5.66 -14.30 -6.06
N LEU B 11 -6.77 -13.60 -6.25
CA LEU B 11 -7.12 -13.03 -7.54
C LEU B 11 -7.62 -11.61 -7.31
N PRO B 12 -7.02 -10.62 -8.01
CA PRO B 12 -7.40 -9.21 -7.88
C PRO B 12 -8.80 -8.90 -8.39
N LEU B 13 -9.42 -7.88 -7.79
CA LEU B 13 -10.78 -7.46 -8.15
C LEU B 13 -10.86 -5.93 -8.29
N ASN B 14 -11.57 -5.47 -9.32
CA ASN B 14 -11.77 -4.04 -9.57
C ASN B 14 -10.46 -3.25 -9.54
N PHE B 15 -9.42 -3.80 -10.15
CA PHE B 15 -8.11 -3.17 -10.17
C PHE B 15 -7.99 -2.01 -11.17
N ASP B 16 -8.77 -2.08 -12.26
CA ASP B 16 -8.75 -1.03 -13.29
C ASP B 16 -9.68 0.15 -12.99
N LYS B 17 -10.35 0.12 -11.85
CA LYS B 17 -11.26 1.20 -11.47
C LYS B 17 -10.54 2.27 -10.64
N ALA B 18 -11.25 3.33 -10.25
CA ALA B 18 -10.62 4.41 -9.49
C ALA B 18 -11.13 4.69 -8.08
N GLU B 19 -12.39 5.06 -7.95
CA GLU B 19 -12.96 5.40 -6.65
C GLU B 19 -13.04 4.22 -5.66
N HIS B 20 -12.63 3.04 -6.09
CA HIS B 20 -12.67 1.84 -5.24
C HIS B 20 -11.33 1.56 -4.55
N HIS B 21 -11.40 0.83 -3.45
CA HIS B 21 -10.21 0.45 -2.68
C HIS B 21 -9.63 -0.82 -3.29
N ARG B 22 -8.36 -1.10 -3.03
CA ARG B 22 -7.74 -2.33 -3.54
C ARG B 22 -8.55 -3.48 -2.94
N LYS B 23 -8.89 -4.45 -3.76
CA LYS B 23 -9.71 -5.57 -3.32
C LYS B 23 -9.30 -6.86 -4.03
N PHE B 24 -9.35 -7.98 -3.31
CA PHE B 24 -9.00 -9.26 -3.92
C PHE B 24 -9.70 -10.47 -3.30
N GLN B 25 -9.79 -11.56 -4.08
CA GLN B 25 -10.42 -12.79 -3.66
C GLN B 25 -9.40 -13.77 -3.14
N ILE B 26 -9.72 -14.41 -2.02
CA ILE B 26 -8.84 -15.42 -1.43
C ILE B 26 -9.51 -16.77 -1.70
N HIS B 27 -8.88 -17.60 -2.53
CA HIS B 27 -9.43 -18.91 -2.84
C HIS B 27 -8.76 -19.97 -1.98
N ILE B 28 -9.58 -20.74 -1.27
CA ILE B 28 -9.09 -21.80 -0.41
C ILE B 28 -9.47 -23.15 -1.00
N ASN B 29 -8.47 -23.99 -1.20
CA ASN B 29 -8.69 -25.33 -1.76
C ASN B 29 -8.14 -26.28 -0.70
N VAL B 30 -9.02 -27.14 -0.20
CA VAL B 30 -8.62 -28.05 0.86
C VAL B 30 -9.29 -29.42 0.78
N SER B 31 -8.62 -30.43 1.35
CA SER B 31 -9.14 -31.79 1.40
C SER B 31 -8.46 -32.56 2.54
N TYR B 32 -9.04 -33.69 2.92
CA TYR B 32 -8.49 -34.52 3.98
C TYR B 32 -7.92 -35.80 3.40
N ILE B 33 -6.65 -36.05 3.66
CA ILE B 33 -6.00 -37.25 3.15
C ILE B 33 -5.37 -38.08 4.27
N GLY B 34 -5.99 -38.03 5.45
CA GLY B 34 -5.50 -38.78 6.59
C GLY B 34 -5.95 -40.23 6.55
N GLU B 35 -5.79 -40.94 7.66
CA GLU B 35 -6.16 -42.35 7.75
C GLU B 35 -7.66 -42.63 7.81
N ARG B 36 -8.41 -41.72 8.44
CA ARG B 36 -9.86 -41.86 8.58
C ARG B 36 -10.61 -41.63 7.26
N PRO B 37 -11.81 -42.22 7.12
CA PRO B 37 -12.64 -42.07 5.92
C PRO B 37 -13.00 -40.61 5.66
N ASN B 38 -13.03 -39.82 6.73
CA ASN B 38 -13.34 -38.40 6.66
C ASN B 38 -12.98 -37.72 7.98
N SER B 39 -12.91 -36.39 7.96
CA SER B 39 -12.57 -35.62 9.15
C SER B 39 -13.82 -35.31 9.96
N ASN B 40 -13.62 -34.62 11.08
CA ASN B 40 -14.74 -34.17 11.89
C ASN B 40 -14.95 -32.75 11.38
N MET B 41 -15.61 -31.91 12.17
CA MET B 41 -15.78 -30.51 11.79
C MET B 41 -14.36 -29.97 11.60
N VAL B 42 -14.16 -29.21 10.53
CA VAL B 42 -12.87 -28.65 10.23
C VAL B 42 -12.92 -27.14 10.27
N ILE B 43 -11.83 -26.54 10.76
CA ILE B 43 -11.76 -25.10 10.85
C ILE B 43 -10.63 -24.57 9.97
N VAL B 44 -10.98 -23.62 9.11
CA VAL B 44 -9.97 -22.98 8.29
C VAL B 44 -9.83 -21.59 8.90
N ASP B 45 -8.61 -21.30 9.35
CA ASP B 45 -8.29 -20.01 9.96
C ASP B 45 -7.46 -19.18 8.99
N VAL B 46 -8.06 -18.12 8.46
CA VAL B 46 -7.40 -17.24 7.51
C VAL B 46 -7.02 -15.92 8.17
N LYS B 47 -5.72 -15.67 8.31
CA LYS B 47 -5.27 -14.42 8.88
C LYS B 47 -5.16 -13.40 7.74
N MET B 48 -5.54 -12.16 8.05
CA MET B 48 -5.50 -11.08 7.08
C MET B 48 -4.11 -10.51 6.83
N VAL B 49 -3.87 -10.11 5.59
CA VAL B 49 -2.64 -9.46 5.21
C VAL B 49 -2.82 -8.08 5.85
N SER B 50 -1.75 -7.50 6.38
CA SER B 50 -1.83 -6.19 7.03
C SER B 50 -2.58 -5.13 6.22
N GLY B 51 -3.47 -4.41 6.89
CA GLY B 51 -4.24 -3.36 6.23
C GLY B 51 -5.47 -3.84 5.45
N PHE B 52 -5.59 -5.14 5.25
CA PHE B 52 -6.72 -5.71 4.55
C PHE B 52 -7.72 -6.34 5.53
N ILE B 53 -9.00 -6.10 5.26
CA ILE B 53 -10.07 -6.66 6.09
C ILE B 53 -11.04 -7.40 5.17
N PRO B 54 -11.75 -8.38 5.71
CA PRO B 54 -12.70 -9.14 4.88
C PRO B 54 -13.98 -8.38 4.53
N VAL B 55 -14.47 -8.61 3.31
CA VAL B 55 -15.70 -8.00 2.84
C VAL B 55 -16.76 -8.91 3.42
N LYS B 56 -17.33 -8.49 4.56
CA LYS B 56 -18.32 -9.28 5.29
C LYS B 56 -19.37 -10.06 4.49
N PRO B 57 -20.11 -9.41 3.58
CA PRO B 57 -21.12 -10.13 2.80
C PRO B 57 -20.60 -11.39 2.10
N SER B 58 -19.40 -11.30 1.52
CA SER B 58 -18.82 -12.46 0.82
C SER B 58 -18.45 -13.59 1.79
N VAL B 59 -18.08 -13.22 3.01
CA VAL B 59 -17.73 -14.21 4.02
C VAL B 59 -19.00 -14.90 4.51
N LYS B 60 -20.03 -14.10 4.79
CA LYS B 60 -21.28 -14.65 5.26
C LYS B 60 -22.00 -15.54 4.27
N LYS B 61 -21.94 -15.20 2.98
CA LYS B 61 -22.60 -16.01 1.97
C LYS B 61 -22.01 -17.43 1.84
N LEU B 62 -20.90 -17.67 2.54
CA LEU B 62 -20.27 -18.99 2.53
C LEU B 62 -21.15 -19.98 3.29
N GLN B 63 -21.91 -19.45 4.26
CA GLN B 63 -22.82 -20.24 5.09
C GLN B 63 -23.96 -20.85 4.29
N ASP B 64 -24.19 -20.31 3.09
CA ASP B 64 -25.24 -20.83 2.23
C ASP B 64 -24.91 -22.24 1.76
N GLN B 65 -23.62 -22.54 1.69
CA GLN B 65 -23.16 -23.86 1.28
C GLN B 65 -23.48 -24.82 2.41
N SER B 66 -23.95 -26.02 2.07
CA SER B 66 -24.30 -26.99 3.09
C SER B 66 -23.12 -27.54 3.87
N ASN B 67 -21.93 -27.55 3.26
CA ASN B 67 -20.74 -28.06 3.94
C ASN B 67 -20.04 -27.00 4.82
N ILE B 68 -20.62 -25.81 4.89
CA ILE B 68 -20.05 -24.75 5.72
C ILE B 68 -21.08 -24.35 6.77
N GLN B 69 -20.92 -24.86 7.98
CA GLN B 69 -21.83 -24.56 9.08
C GLN B 69 -21.91 -23.06 9.39
N ARG B 70 -20.78 -22.41 9.59
CA ARG B 70 -20.80 -20.99 9.88
C ARG B 70 -19.45 -20.31 9.67
N THR B 71 -19.44 -18.98 9.72
CA THR B 71 -18.21 -18.20 9.56
C THR B 71 -18.10 -17.15 10.67
N GLU B 72 -16.87 -16.87 11.08
CA GLU B 72 -16.61 -15.88 12.12
C GLU B 72 -15.57 -14.88 11.63
N VAL B 73 -15.81 -13.61 11.94
CA VAL B 73 -14.88 -12.56 11.56
C VAL B 73 -14.36 -11.89 12.84
N ASN B 74 -13.15 -12.26 13.25
CA ASN B 74 -12.55 -11.68 14.45
C ASN B 74 -11.52 -10.63 14.02
N THR B 75 -10.66 -10.23 14.94
CA THR B 75 -9.63 -9.23 14.62
C THR B 75 -8.58 -9.85 13.68
N ASN B 76 -8.59 -9.37 12.43
CA ASN B 76 -7.69 -9.86 11.36
C ASN B 76 -7.65 -11.37 11.12
N HIS B 77 -8.76 -12.03 11.42
CA HIS B 77 -8.91 -13.47 11.23
C HIS B 77 -10.32 -13.83 10.76
N VAL B 78 -10.38 -14.73 9.80
CA VAL B 78 -11.65 -15.21 9.30
C VAL B 78 -11.67 -16.70 9.60
N LEU B 79 -12.72 -17.16 10.27
CA LEU B 79 -12.85 -18.58 10.60
C LEU B 79 -13.98 -19.18 9.80
N ILE B 80 -13.71 -20.32 9.17
CA ILE B 80 -14.72 -21.02 8.38
C ILE B 80 -14.89 -22.41 8.98
N TYR B 81 -16.11 -22.71 9.43
CA TYR B 81 -16.42 -24.00 10.02
C TYR B 81 -16.96 -24.95 8.96
N ILE B 82 -16.16 -25.95 8.61
CA ILE B 82 -16.54 -26.93 7.60
C ILE B 82 -17.02 -28.24 8.24
N GLU B 83 -18.19 -28.73 7.81
CA GLU B 83 -18.79 -29.95 8.34
C GLU B 83 -17.93 -31.20 8.23
N LYS B 84 -17.39 -31.45 7.03
CA LYS B 84 -16.53 -32.61 6.82
C LYS B 84 -15.69 -32.49 5.57
N LEU B 85 -14.58 -33.22 5.55
CA LEU B 85 -13.70 -33.23 4.40
C LEU B 85 -13.23 -34.65 4.13
N THR B 86 -13.20 -35.01 2.87
CA THR B 86 -12.71 -36.31 2.43
C THR B 86 -11.57 -35.96 1.50
N ASN B 87 -11.12 -36.91 0.69
CA ASN B 87 -10.04 -36.63 -0.24
C ASN B 87 -10.52 -35.81 -1.44
N GLN B 88 -11.82 -35.57 -1.53
CA GLN B 88 -12.39 -34.77 -2.60
C GLN B 88 -12.12 -33.30 -2.25
N THR B 89 -11.60 -32.56 -3.22
CA THR B 89 -11.27 -31.14 -3.04
C THR B 89 -12.47 -30.27 -2.77
N MET B 90 -12.29 -29.31 -1.85
CA MET B 90 -13.32 -28.35 -1.55
C MET B 90 -12.68 -26.99 -1.83
N GLY B 91 -13.28 -26.24 -2.75
CA GLY B 91 -12.73 -24.95 -3.12
C GLY B 91 -13.73 -23.84 -2.92
N PHE B 92 -13.47 -22.99 -1.93
CA PHE B 92 -14.35 -21.87 -1.65
C PHE B 92 -13.51 -20.61 -1.62
N SER B 93 -14.17 -19.46 -1.56
CA SER B 93 -13.45 -18.20 -1.53
C SER B 93 -14.28 -17.08 -0.96
N PHE B 94 -13.60 -15.98 -0.63
CA PHE B 94 -14.25 -14.77 -0.12
C PHE B 94 -13.35 -13.59 -0.46
N ALA B 95 -13.91 -12.39 -0.45
CA ALA B 95 -13.15 -11.19 -0.75
C ALA B 95 -12.68 -10.43 0.49
N VAL B 96 -11.61 -9.66 0.29
CA VAL B 96 -11.03 -8.81 1.32
C VAL B 96 -10.73 -7.46 0.66
N GLU B 97 -10.87 -6.37 1.42
CA GLU B 97 -10.59 -5.04 0.88
C GLU B 97 -9.61 -4.26 1.75
N GLN B 98 -8.85 -3.38 1.11
CA GLN B 98 -7.85 -2.57 1.80
C GLN B 98 -8.48 -1.48 2.66
N ASP B 99 -8.26 -1.58 3.96
CA ASP B 99 -8.79 -0.61 4.90
C ASP B 99 -7.75 0.45 5.14
N ILE B 100 -6.53 0.01 5.43
CA ILE B 100 -5.41 0.89 5.68
C ILE B 100 -4.22 0.41 4.85
N PRO B 101 -3.68 1.29 4.00
CA PRO B 101 -2.55 0.93 3.15
C PRO B 101 -1.31 0.65 3.99
N VAL B 102 -0.63 -0.45 3.67
CA VAL B 102 0.58 -0.85 4.38
C VAL B 102 1.56 -1.36 3.33
N LYS B 103 2.79 -0.86 3.37
CA LYS B 103 3.84 -1.25 2.41
C LYS B 103 4.73 -2.40 2.86
N ASN B 104 5.43 -3.00 1.89
CA ASN B 104 6.31 -4.13 2.15
C ASN B 104 5.50 -5.24 2.82
N LEU B 105 4.31 -5.49 2.27
CA LEU B 105 3.39 -6.49 2.78
C LEU B 105 3.97 -7.90 2.88
N LYS B 106 3.89 -8.46 4.08
CA LYS B 106 4.36 -9.81 4.34
C LYS B 106 3.20 -10.78 4.12
N PRO B 107 3.50 -12.06 3.83
CA PRO B 107 2.45 -13.07 3.62
C PRO B 107 1.73 -13.33 4.94
N ALA B 108 0.48 -13.75 4.84
CA ALA B 108 -0.32 -14.08 6.02
C ALA B 108 -0.58 -15.58 5.98
N PRO B 109 -0.60 -16.23 7.15
CA PRO B 109 -0.83 -17.67 7.25
C PRO B 109 -2.30 -18.13 7.19
N VAL B 110 -2.49 -19.34 6.71
CA VAL B 110 -3.80 -19.96 6.64
C VAL B 110 -3.63 -21.34 7.27
N LYS B 111 -4.48 -21.64 8.24
CA LYS B 111 -4.41 -22.93 8.91
C LYS B 111 -5.72 -23.69 8.82
N VAL B 112 -5.60 -24.98 8.49
CA VAL B 112 -6.76 -25.87 8.43
C VAL B 112 -6.51 -26.98 9.43
N TYR B 113 -7.50 -27.27 10.28
CA TYR B 113 -7.35 -28.34 11.25
C TYR B 113 -8.66 -28.95 11.72
N ASP B 114 -8.57 -30.21 12.14
CA ASP B 114 -9.73 -30.91 12.67
C ASP B 114 -10.00 -30.34 14.07
N TYR B 115 -11.23 -29.91 14.31
CA TYR B 115 -11.61 -29.34 15.59
C TYR B 115 -11.33 -30.24 16.79
N TYR B 116 -11.52 -31.54 16.63
CA TYR B 116 -11.30 -32.50 17.72
C TYR B 116 -9.91 -33.12 17.71
N GLU B 117 -9.28 -33.17 16.54
CA GLU B 117 -7.92 -33.70 16.45
C GLU B 117 -7.05 -32.57 15.92
N THR B 118 -6.63 -31.68 16.82
CA THR B 118 -5.81 -30.52 16.47
C THR B 118 -4.43 -30.90 15.98
N ASP B 119 -3.95 -32.08 16.35
CA ASP B 119 -2.64 -32.55 15.89
C ASP B 119 -2.66 -32.74 14.37
N GLU B 120 -3.87 -32.87 13.82
CA GLU B 120 -4.03 -33.03 12.38
C GLU B 120 -4.33 -31.66 11.76
N PHE B 121 -3.35 -31.13 11.04
CA PHE B 121 -3.47 -29.80 10.44
C PHE B 121 -2.47 -29.57 9.31
N ALA B 122 -2.65 -28.44 8.62
CA ALA B 122 -1.78 -28.03 7.53
C ALA B 122 -1.78 -26.51 7.55
N ILE B 123 -0.61 -25.93 7.29
CA ILE B 123 -0.45 -24.48 7.27
C ILE B 123 0.18 -24.04 5.97
N GLU B 124 -0.39 -23.02 5.34
CA GLU B 124 0.13 -22.46 4.10
C GLU B 124 0.08 -20.95 4.20
N GLU B 125 0.78 -20.26 3.29
CA GLU B 125 0.80 -18.80 3.28
C GLU B 125 0.26 -18.26 1.99
N TYR B 126 -0.11 -16.99 2.01
CA TYR B 126 -0.62 -16.35 0.81
C TYR B 126 -0.29 -14.89 0.95
N SER B 127 -0.22 -14.20 -0.17
CA SER B 127 0.07 -12.78 -0.14
C SER B 127 -0.84 -12.01 -1.07
N ALA B 128 -0.99 -10.72 -0.79
CA ALA B 128 -1.82 -9.85 -1.61
C ALA B 128 -1.26 -9.85 -3.04
N PRO B 129 -2.15 -9.87 -4.06
CA PRO B 129 -1.78 -9.88 -5.47
C PRO B 129 -0.94 -8.67 -5.92
N PHE B 130 -0.43 -7.91 -4.95
CA PHE B 130 0.38 -6.73 -5.23
C PHE B 130 1.72 -6.83 -4.52
#